data_7ZC8
#
_entry.id   7ZC8
#
_cell.length_a   94.661
_cell.length_b   94.661
_cell.length_c   58.246
_cell.angle_alpha   90.00
_cell.angle_beta   90.00
_cell.angle_gamma   120.00
#
_symmetry.space_group_name_H-M   'P 65'
#
loop_
_entity.id
_entity.type
_entity.pdbx_description
1 polymer 'Protein TonB'
2 water water
#
_entity_poly.entity_id   1
_entity_poly.type   'polypeptide(L)'
_entity_poly.pdbx_seq_one_letter_code
;RALHRRVNYPSRAKALGVEGKVRVKFDITGSGTVTNVQVLSETPDGVFGDDVVKDMARWRYRTEAPVENQVVSIVFKLNG
HIRVDDQ
;
_entity_poly.pdbx_strand_id   B,A
#
# COMPACT_ATOMS: atom_id res chain seq x y z
N ALA A 2 14.88 20.11 9.88
CA ALA A 2 14.71 19.76 8.45
C ALA A 2 13.57 20.58 7.85
N LEU A 3 13.78 21.15 6.66
CA LEU A 3 12.75 21.91 5.93
C LEU A 3 11.96 20.97 5.02
N HIS A 4 12.63 20.25 4.12
CA HIS A 4 12.02 19.08 3.41
C HIS A 4 13.04 17.94 3.21
N ARG A 5 12.55 16.72 3.34
CA ARG A 5 13.30 15.45 3.16
C ARG A 5 12.41 14.51 2.34
N ARG A 6 11.98 15.01 1.18
CA ARG A 6 11.16 14.27 0.19
C ARG A 6 11.91 13.00 -0.24
N VAL A 7 11.24 11.86 -0.15
CA VAL A 7 11.70 10.59 -0.76
C VAL A 7 10.56 10.04 -1.62
N ASN A 8 10.85 9.72 -2.88
CA ASN A 8 9.89 9.14 -3.83
C ASN A 8 9.96 7.61 -3.76
N TYR A 9 8.82 6.93 -3.91
CA TYR A 9 8.71 5.47 -4.14
C TYR A 9 9.14 5.21 -5.58
N PRO A 10 10.27 4.54 -5.83
CA PRO A 10 10.66 4.23 -7.20
C PRO A 10 9.51 3.48 -7.90
N SER A 11 9.26 3.83 -9.16
CA SER A 11 8.04 3.45 -9.90
C SER A 11 8.06 1.94 -10.17
N ARG A 12 9.23 1.40 -10.56
CA ARG A 12 9.40 -0.05 -10.81
C ARG A 12 9.04 -0.82 -9.54
N ALA A 13 9.66 -0.45 -8.42
CA ALA A 13 9.47 -1.16 -7.13
C ALA A 13 7.98 -1.12 -6.77
N LYS A 14 7.36 0.07 -6.88
CA LYS A 14 5.94 0.28 -6.50
C LYS A 14 5.10 -0.65 -7.37
N ALA A 15 5.33 -0.63 -8.69
CA ALA A 15 4.59 -1.43 -9.69
C ALA A 15 4.75 -2.93 -9.36
N LEU A 16 5.91 -3.36 -8.86
CA LEU A 16 6.19 -4.80 -8.62
C LEU A 16 5.76 -5.20 -7.20
N GLY A 17 5.25 -4.26 -6.39
CA GLY A 17 4.86 -4.54 -5.00
C GLY A 17 6.06 -4.71 -4.06
N VAL A 18 7.24 -4.21 -4.45
CA VAL A 18 8.49 -4.39 -3.66
C VAL A 18 8.54 -3.38 -2.52
N GLU A 19 8.69 -3.88 -1.29
CA GLU A 19 8.85 -3.09 -0.05
C GLU A 19 10.30 -3.22 0.43
N GLY A 20 10.71 -2.36 1.35
CA GLY A 20 12.07 -2.46 1.91
C GLY A 20 12.45 -1.27 2.73
N LYS A 21 13.75 -1.08 2.89
CA LYS A 21 14.28 -0.24 3.97
C LYS A 21 15.69 0.17 3.57
N VAL A 22 16.02 1.44 3.79
CA VAL A 22 17.37 2.00 3.55
C VAL A 22 17.80 2.76 4.80
N ARG A 23 19.00 2.46 5.27
CA ARG A 23 19.62 3.21 6.38
C ARG A 23 20.80 3.98 5.80
N VAL A 24 20.83 5.30 6.03
CA VAL A 24 21.79 6.24 5.38
C VAL A 24 22.45 7.11 6.45
N LYS A 25 23.78 7.25 6.38
CA LYS A 25 24.56 8.23 7.17
C LYS A 25 24.99 9.36 6.26
N PHE A 26 25.03 10.60 6.76
CA PHE A 26 25.31 11.78 5.91
C PHE A 26 25.74 12.96 6.78
N ASP A 27 26.39 13.92 6.13
CA ASP A 27 26.75 15.23 6.72
C ASP A 27 25.79 16.28 6.17
N ILE A 28 25.60 17.35 6.94
CA ILE A 28 24.86 18.57 6.53
C ILE A 28 25.85 19.75 6.52
N THR A 29 26.02 20.40 5.36
CA THR A 29 26.84 21.62 5.17
C THR A 29 26.22 22.80 5.94
N GLY A 30 26.97 23.89 6.11
CA GLY A 30 26.45 25.18 6.61
C GLY A 30 25.40 25.75 5.67
N SER A 31 25.50 25.39 4.38
CA SER A 31 24.48 25.66 3.32
C SER A 31 23.25 24.75 3.51
N GLY A 32 23.26 23.91 4.53
CA GLY A 32 22.11 23.05 4.92
C GLY A 32 21.75 22.03 3.84
N THR A 33 22.70 21.71 2.94
CA THR A 33 22.58 20.60 1.95
C THR A 33 23.26 19.36 2.52
N VAL A 34 22.99 18.20 1.90
CA VAL A 34 23.47 16.87 2.36
C VAL A 34 24.75 16.52 1.59
N THR A 35 25.72 15.91 2.25
CA THR A 35 27.00 15.46 1.63
C THR A 35 27.50 14.21 2.35
N ASN A 36 28.47 13.52 1.76
CA ASN A 36 29.16 12.36 2.37
C ASN A 36 28.09 11.31 2.69
N VAL A 37 27.19 11.09 1.74
CA VAL A 37 26.04 10.15 1.87
C VAL A 37 26.58 8.72 1.83
N GLN A 38 26.39 7.98 2.92
CA GLN A 38 26.80 6.57 3.09
C GLN A 38 25.56 5.69 3.27
N VAL A 39 25.30 4.75 2.35
CA VAL A 39 24.23 3.73 2.54
C VAL A 39 24.78 2.67 3.50
N LEU A 40 24.21 2.61 4.71
CA LEU A 40 24.63 1.69 5.79
C LEU A 40 24.00 0.30 5.56
N SER A 41 22.74 0.27 5.10
CA SER A 41 22.06 -0.96 4.63
C SER A 41 20.93 -0.56 3.67
N GLU A 42 20.61 -1.46 2.77
CA GLU A 42 19.40 -1.37 1.92
C GLU A 42 18.92 -2.78 1.66
N THR A 43 17.60 -2.98 1.71
CA THR A 43 16.94 -4.26 1.40
C THR A 43 15.66 -3.96 0.66
N PRO A 44 15.32 -4.75 -0.39
CA PRO A 44 16.24 -5.73 -0.94
C PRO A 44 17.43 -5.02 -1.58
N ASP A 45 18.57 -5.71 -1.68
CA ASP A 45 19.81 -5.11 -2.23
C ASP A 45 19.50 -4.60 -3.64
N GLY A 46 19.87 -3.35 -3.91
CA GLY A 46 19.95 -2.78 -5.27
C GLY A 46 18.69 -2.02 -5.66
N VAL A 47 17.66 -2.04 -4.83
CA VAL A 47 16.29 -1.59 -5.24
C VAL A 47 16.11 -0.10 -4.92
N PHE A 48 16.46 0.35 -3.70
CA PHE A 48 16.03 1.67 -3.16
C PHE A 48 17.21 2.61 -2.92
N GLY A 49 18.42 2.05 -2.73
CA GLY A 49 19.61 2.78 -2.28
C GLY A 49 19.94 3.95 -3.19
N ASP A 50 20.09 3.69 -4.49
CA ASP A 50 20.55 4.71 -5.49
C ASP A 50 19.48 5.81 -5.60
N ASP A 51 18.20 5.46 -5.62
CA ASP A 51 17.09 6.45 -5.71
C ASP A 51 17.05 7.29 -4.43
N VAL A 52 17.29 6.69 -3.27
CA VAL A 52 17.28 7.45 -1.98
C VAL A 52 18.44 8.46 -2.01
N VAL A 53 19.63 8.04 -2.45
CA VAL A 53 20.83 8.91 -2.51
C VAL A 53 20.51 10.10 -3.43
N LYS A 54 19.90 9.86 -4.60
CA LYS A 54 19.49 10.94 -5.53
C LYS A 54 18.53 11.91 -4.83
N ASP A 55 17.49 11.40 -4.16
CA ASP A 55 16.46 12.23 -3.49
C ASP A 55 17.16 13.08 -2.42
N MET A 56 18.14 12.52 -1.72
CA MET A 56 18.80 13.22 -0.60
C MET A 56 19.59 14.43 -1.12
N ALA A 57 19.99 14.44 -2.40
CA ALA A 57 20.69 15.56 -3.07
C ALA A 57 19.85 16.83 -2.99
N ARG A 58 18.54 16.69 -2.82
CA ARG A 58 17.55 17.81 -2.91
C ARG A 58 16.87 17.98 -1.55
N TRP A 59 17.43 17.38 -0.50
CA TRP A 59 17.01 17.61 0.91
C TRP A 59 17.53 18.98 1.37
N ARG A 60 16.78 19.66 2.25
CA ARG A 60 17.16 20.99 2.78
C ARG A 60 16.96 21.02 4.29
N TYR A 61 17.94 21.60 5.00
CA TYR A 61 17.99 21.77 6.46
C TYR A 61 18.18 23.26 6.79
N ARG A 62 17.95 23.65 8.04
CA ARG A 62 18.14 25.05 8.53
C ARG A 62 19.63 25.44 8.40
N THR A 63 19.98 26.15 7.33
CA THR A 63 21.33 26.74 7.10
C THR A 63 21.74 27.52 8.36
N GLU A 64 22.80 27.08 9.03
CA GLU A 64 23.23 27.61 10.36
C GLU A 64 24.66 27.16 10.62
N ALA A 65 24.82 25.95 11.15
CA ALA A 65 26.13 25.31 11.44
C ALA A 65 26.15 23.91 10.83
N PRO A 66 27.24 23.54 10.13
CA PRO A 66 27.35 22.21 9.52
C PRO A 66 27.30 21.14 10.61
N VAL A 67 26.64 20.01 10.32
CA VAL A 67 26.49 18.87 11.26
C VAL A 67 26.95 17.60 10.55
N GLU A 68 27.55 16.66 11.27
CA GLU A 68 28.16 15.46 10.65
C GLU A 68 27.51 14.20 11.21
N ASN A 69 27.58 13.11 10.46
CA ASN A 69 27.28 11.73 10.93
C ASN A 69 25.82 11.67 11.38
N GLN A 70 24.90 12.35 10.68
CA GLN A 70 23.43 12.14 10.83
C GLN A 70 23.06 10.77 10.23
N VAL A 71 22.13 10.05 10.86
CA VAL A 71 21.59 8.76 10.33
C VAL A 71 20.07 8.85 10.20
N VAL A 72 19.53 8.44 9.06
CA VAL A 72 18.07 8.22 8.91
C VAL A 72 17.81 6.80 8.40
N SER A 73 16.69 6.25 8.87
CA SER A 73 16.02 5.03 8.36
C SER A 73 14.86 5.46 7.45
N ILE A 74 14.82 4.91 6.25
CA ILE A 74 13.72 5.14 5.29
C ILE A 74 13.03 3.79 5.04
N VAL A 75 11.75 3.71 5.38
CA VAL A 75 10.96 2.45 5.24
C VAL A 75 9.94 2.66 4.12
N PHE A 76 10.01 1.79 3.11
CA PHE A 76 9.12 1.76 1.93
C PHE A 76 8.12 0.63 2.14
N LYS A 77 6.82 0.96 2.20
CA LYS A 77 5.73 -0.02 2.34
C LYS A 77 4.65 0.24 1.28
N LEU A 78 3.90 -0.80 0.92
CA LEU A 78 2.65 -0.62 0.14
C LEU A 78 1.45 -0.92 1.03
N ASN A 79 0.58 0.08 1.17
CA ASN A 79 -0.72 -0.03 1.88
C ASN A 79 -1.75 -0.55 0.89
N GLY A 80 -2.25 -1.77 1.14
CA GLY A 80 -3.44 -2.30 0.47
C GLY A 80 -4.64 -1.43 0.79
N HIS A 81 -5.31 -0.91 -0.22
CA HIS A 81 -6.60 -0.20 -0.01
C HIS A 81 -7.69 -0.90 -0.81
N ILE A 82 -8.76 -1.31 -0.14
CA ILE A 82 -9.90 -2.04 -0.76
C ILE A 82 -11.18 -1.26 -0.46
N ARG A 83 -11.94 -0.95 -1.50
CA ARG A 83 -13.23 -0.23 -1.41
C ARG A 83 -14.33 -1.13 -1.97
N VAL A 84 -15.46 -1.19 -1.25
CA VAL A 84 -16.67 -1.89 -1.74
C VAL A 84 -17.65 -0.81 -2.24
N ASP A 85 -17.92 -0.80 -3.54
CA ASP A 85 -18.86 0.16 -4.17
C ASP A 85 -20.18 -0.58 -4.42
N ASP A 86 -21.28 -0.10 -3.82
CA ASP A 86 -22.65 -0.63 -4.04
C ASP A 86 -23.15 -0.17 -5.41
N GLN A 87 -23.70 -1.10 -6.20
CA GLN A 87 -24.23 -0.83 -7.57
C GLN A 87 -25.76 -0.83 -7.54
N ARG B 1 -27.51 -0.57 5.80
CA ARG B 1 -28.00 -1.91 6.19
C ARG B 1 -26.82 -2.89 6.24
N ALA B 2 -25.68 -2.57 5.60
CA ALA B 2 -24.40 -3.31 5.75
C ALA B 2 -23.83 -3.09 7.16
N LEU B 3 -23.48 -4.17 7.87
CA LEU B 3 -22.88 -4.09 9.23
C LEU B 3 -21.37 -4.37 9.16
N HIS B 4 -20.98 -5.35 8.34
CA HIS B 4 -19.58 -5.83 8.22
C HIS B 4 -19.37 -6.36 6.81
N ARG B 5 -18.47 -5.74 6.04
CA ARG B 5 -18.15 -6.20 4.67
C ARG B 5 -16.64 -6.16 4.46
N ARG B 6 -15.92 -6.69 5.44
CA ARG B 6 -14.44 -6.79 5.39
C ARG B 6 -14.03 -7.54 4.12
N VAL B 7 -13.08 -6.98 3.38
CA VAL B 7 -12.34 -7.70 2.31
C VAL B 7 -10.83 -7.57 2.59
N ASN B 8 -10.11 -8.69 2.53
CA ASN B 8 -8.64 -8.74 2.71
C ASN B 8 -7.93 -8.65 1.36
N TYR B 9 -6.73 -8.09 1.32
CA TYR B 9 -5.84 -8.08 0.12
C TYR B 9 -5.16 -9.43 0.05
N PRO B 10 -5.42 -10.27 -0.98
CA PRO B 10 -4.78 -11.57 -1.03
C PRO B 10 -3.26 -11.36 -0.99
N SER B 11 -2.58 -12.13 -0.14
CA SER B 11 -1.11 -12.16 0.09
C SER B 11 -0.36 -12.13 -1.26
N ARG B 12 -0.74 -13.04 -2.15
CA ARG B 12 -0.01 -13.30 -3.41
C ARG B 12 -0.15 -12.06 -4.30
N ALA B 13 -1.37 -11.55 -4.48
CA ALA B 13 -1.64 -10.32 -5.27
C ALA B 13 -0.80 -9.17 -4.70
N LYS B 14 -0.82 -9.02 -3.37
CA LYS B 14 -0.11 -7.93 -2.66
C LYS B 14 1.39 -8.03 -2.99
N ALA B 15 1.96 -9.22 -2.82
CA ALA B 15 3.42 -9.47 -3.01
C ALA B 15 3.80 -9.18 -4.46
N LEU B 16 2.88 -9.37 -5.42
CA LEU B 16 3.13 -9.19 -6.87
C LEU B 16 2.84 -7.73 -7.27
N GLY B 17 2.32 -6.92 -6.36
CA GLY B 17 1.91 -5.54 -6.65
C GLY B 17 0.68 -5.47 -7.55
N VAL B 18 -0.12 -6.53 -7.61
CA VAL B 18 -1.32 -6.57 -8.52
C VAL B 18 -2.47 -5.79 -7.89
N GLU B 19 -3.02 -4.87 -8.67
CA GLU B 19 -4.25 -4.10 -8.40
C GLU B 19 -5.36 -4.62 -9.32
N GLY B 20 -6.59 -4.21 -9.08
CA GLY B 20 -7.72 -4.60 -9.93
C GLY B 20 -9.03 -4.56 -9.18
N LYS B 21 -9.99 -5.36 -9.63
CA LYS B 21 -11.39 -5.20 -9.19
C LYS B 21 -12.17 -6.46 -9.50
N VAL B 22 -13.22 -6.67 -8.73
CA VAL B 22 -14.17 -7.81 -8.83
C VAL B 22 -15.57 -7.24 -8.73
N ARG B 23 -16.42 -7.63 -9.68
CA ARG B 23 -17.88 -7.33 -9.70
C ARG B 23 -18.60 -8.63 -9.30
N VAL B 24 -19.43 -8.56 -8.25
CA VAL B 24 -20.06 -9.76 -7.63
C VAL B 24 -21.57 -9.50 -7.48
N LYS B 25 -22.39 -10.48 -7.86
CA LYS B 25 -23.82 -10.56 -7.47
C LYS B 25 -23.98 -11.52 -6.28
N PHE B 26 -24.91 -11.23 -5.38
CA PHE B 26 -25.14 -12.07 -4.18
C PHE B 26 -26.55 -11.82 -3.63
N ASP B 27 -27.00 -12.73 -2.75
CA ASP B 27 -28.27 -12.62 -2.00
C ASP B 27 -27.95 -12.39 -0.52
N ILE B 28 -28.90 -11.80 0.21
CA ILE B 28 -28.87 -11.57 1.68
C ILE B 28 -30.05 -12.31 2.32
N THR B 29 -29.79 -13.33 3.15
CA THR B 29 -30.80 -14.09 3.95
C THR B 29 -31.39 -13.19 5.04
N GLY B 30 -32.48 -13.62 5.68
CA GLY B 30 -33.13 -12.88 6.78
C GLY B 30 -32.22 -12.72 7.99
N SER B 31 -31.34 -13.70 8.20
CA SER B 31 -30.28 -13.72 9.24
C SER B 31 -29.23 -12.63 8.95
N GLY B 32 -29.42 -11.89 7.85
CA GLY B 32 -28.48 -10.85 7.37
C GLY B 32 -27.13 -11.41 6.99
N THR B 33 -27.08 -12.70 6.61
CA THR B 33 -25.87 -13.37 6.07
C THR B 33 -25.92 -13.35 4.54
N VAL B 34 -24.79 -13.63 3.89
CA VAL B 34 -24.62 -13.46 2.42
C VAL B 34 -24.53 -14.86 1.81
N THR B 35 -25.23 -15.06 0.68
CA THR B 35 -25.42 -16.38 0.03
C THR B 35 -25.53 -16.18 -1.48
N ASN B 36 -25.51 -17.27 -2.25
CA ASN B 36 -25.72 -17.25 -3.72
C ASN B 36 -24.72 -16.27 -4.34
N VAL B 37 -23.47 -16.28 -3.87
CA VAL B 37 -22.40 -15.35 -4.33
C VAL B 37 -21.91 -15.79 -5.71
N GLN B 38 -22.00 -14.90 -6.71
CA GLN B 38 -21.53 -15.16 -8.10
C GLN B 38 -20.66 -14.00 -8.59
N VAL B 39 -19.40 -14.29 -8.92
CA VAL B 39 -18.50 -13.29 -9.57
C VAL B 39 -19.01 -13.07 -11.00
N LEU B 40 -19.33 -11.82 -11.34
CA LEU B 40 -19.78 -11.39 -12.68
C LEU B 40 -18.57 -11.13 -13.57
N SER B 41 -17.53 -10.49 -13.03
CA SER B 41 -16.27 -10.16 -13.75
C SER B 41 -15.16 -9.95 -12.74
N GLU B 42 -13.91 -10.11 -13.18
CA GLU B 42 -12.73 -9.71 -12.39
C GLU B 42 -11.61 -9.35 -13.35
N THR B 43 -10.76 -8.42 -12.94
CA THR B 43 -9.48 -8.12 -13.62
C THR B 43 -8.42 -7.86 -12.54
N PRO B 44 -7.20 -8.40 -12.73
CA PRO B 44 -6.93 -9.35 -13.80
C PRO B 44 -7.60 -10.69 -13.50
N ASP B 45 -7.66 -11.56 -14.52
CA ASP B 45 -8.35 -12.86 -14.45
C ASP B 45 -7.75 -13.68 -13.30
N GLY B 46 -8.60 -14.19 -12.42
CA GLY B 46 -8.28 -15.25 -11.43
C GLY B 46 -7.38 -14.76 -10.30
N VAL B 47 -7.24 -13.46 -10.08
CA VAL B 47 -6.36 -12.93 -8.99
C VAL B 47 -7.18 -12.77 -7.70
N PHE B 48 -8.34 -12.11 -7.77
CA PHE B 48 -9.08 -11.61 -6.58
C PHE B 48 -10.34 -12.45 -6.32
N GLY B 49 -10.92 -13.06 -7.36
CA GLY B 49 -12.28 -13.61 -7.37
C GLY B 49 -12.54 -14.56 -6.21
N ASP B 50 -11.70 -15.60 -6.07
CA ASP B 50 -11.94 -16.69 -5.09
C ASP B 50 -11.82 -16.15 -3.67
N ASP B 51 -10.83 -15.28 -3.41
CA ASP B 51 -10.61 -14.71 -2.05
C ASP B 51 -11.78 -13.80 -1.70
N VAL B 52 -12.30 -13.06 -2.68
CA VAL B 52 -13.47 -12.17 -2.46
C VAL B 52 -14.68 -13.03 -2.09
N VAL B 53 -14.93 -14.12 -2.82
CA VAL B 53 -16.07 -15.04 -2.53
C VAL B 53 -15.94 -15.52 -1.08
N LYS B 54 -14.75 -15.97 -0.68
CA LYS B 54 -14.45 -16.48 0.69
C LYS B 54 -14.75 -15.38 1.73
N ASP B 55 -14.28 -14.16 1.50
CA ASP B 55 -14.49 -13.01 2.41
C ASP B 55 -15.99 -12.72 2.52
N MET B 56 -16.71 -12.79 1.39
CA MET B 56 -18.12 -12.31 1.32
C MET B 56 -19.02 -13.23 2.14
N ALA B 57 -18.63 -14.49 2.32
CA ALA B 57 -19.35 -15.48 3.16
C ALA B 57 -19.42 -14.99 4.61
N ARG B 58 -18.51 -14.10 5.04
CA ARG B 58 -18.49 -13.59 6.44
C ARG B 58 -19.14 -12.20 6.50
N TRP B 59 -19.72 -11.73 5.41
CA TRP B 59 -20.36 -10.38 5.36
C TRP B 59 -21.66 -10.40 6.19
N ARG B 60 -22.04 -9.26 6.76
CA ARG B 60 -23.25 -9.15 7.61
C ARG B 60 -24.00 -7.86 7.25
N TYR B 61 -25.33 -7.96 7.17
CA TYR B 61 -26.29 -6.84 6.94
C TYR B 61 -27.31 -6.81 8.08
N ARG B 62 -27.94 -5.65 8.34
CA ARG B 62 -29.24 -5.55 9.04
C ARG B 62 -30.37 -5.66 8.02
N THR B 63 -31.24 -6.66 8.17
CA THR B 63 -32.41 -6.89 7.29
C THR B 63 -33.52 -7.55 8.13
N GLU B 64 -34.77 -7.40 7.67
CA GLU B 64 -35.97 -8.07 8.26
C GLU B 64 -36.45 -9.16 7.30
N ALA B 65 -35.79 -9.28 6.13
CA ALA B 65 -36.21 -10.16 5.03
C ALA B 65 -35.03 -10.42 4.09
N PRO B 66 -34.92 -11.65 3.54
CA PRO B 66 -34.02 -11.91 2.42
C PRO B 66 -34.18 -10.85 1.33
N VAL B 67 -33.06 -10.36 0.79
CA VAL B 67 -32.98 -9.53 -0.43
C VAL B 67 -32.06 -10.28 -1.42
N GLU B 68 -32.31 -10.16 -2.72
CA GLU B 68 -31.55 -10.97 -3.71
C GLU B 68 -30.99 -10.07 -4.82
N ASN B 69 -30.03 -10.61 -5.57
CA ASN B 69 -29.44 -9.98 -6.78
C ASN B 69 -28.85 -8.61 -6.40
N GLN B 70 -28.22 -8.50 -5.22
CA GLN B 70 -27.36 -7.34 -4.87
C GLN B 70 -26.06 -7.43 -5.67
N VAL B 71 -25.58 -6.28 -6.16
CA VAL B 71 -24.30 -6.20 -6.90
C VAL B 71 -23.34 -5.24 -6.19
N VAL B 72 -22.09 -5.66 -6.02
CA VAL B 72 -20.98 -4.77 -5.56
C VAL B 72 -19.81 -4.89 -6.54
N SER B 73 -19.08 -3.79 -6.70
CA SER B 73 -17.72 -3.75 -7.30
C SER B 73 -16.70 -3.52 -6.19
N ILE B 74 -15.75 -4.45 -6.04
CA ILE B 74 -14.68 -4.39 -5.02
C ILE B 74 -13.38 -4.04 -5.72
N VAL B 75 -12.78 -2.93 -5.30
CA VAL B 75 -11.62 -2.28 -5.99
C VAL B 75 -10.38 -2.37 -5.09
N PHE B 76 -9.30 -2.96 -5.60
CA PHE B 76 -8.03 -3.21 -4.89
C PHE B 76 -6.96 -2.27 -5.45
N LYS B 77 -6.37 -1.46 -4.56
CA LYS B 77 -5.31 -0.48 -4.87
C LYS B 77 -4.13 -0.69 -3.91
N LEU B 78 -2.91 -0.42 -4.36
CA LEU B 78 -1.71 -0.42 -3.50
C LEU B 78 -1.11 0.99 -3.51
N ASN B 79 -1.00 1.63 -2.34
CA ASN B 79 -0.52 3.03 -2.23
C ASN B 79 0.87 3.03 -1.59
N GLY B 80 1.80 3.79 -2.18
CA GLY B 80 3.16 4.01 -1.66
C GLY B 80 3.10 4.62 -0.28
N HIS B 81 3.87 4.08 0.66
CA HIS B 81 4.03 4.68 2.02
C HIS B 81 5.51 4.68 2.40
N ILE B 82 6.04 5.86 2.69
CA ILE B 82 7.49 6.06 3.00
C ILE B 82 7.56 6.75 4.34
N ARG B 83 8.33 6.17 5.26
CA ARG B 83 8.61 6.76 6.60
C ARG B 83 10.08 7.14 6.63
N VAL B 84 10.38 8.40 6.91
CA VAL B 84 11.76 8.88 7.20
C VAL B 84 11.91 9.11 8.71
N ASP B 85 12.77 8.30 9.34
CA ASP B 85 12.99 8.27 10.81
C ASP B 85 14.45 8.65 11.11
N ASP B 86 14.67 9.68 11.93
CA ASP B 86 16.01 9.97 12.52
C ASP B 86 16.36 8.94 13.60
N GLN B 87 17.61 8.49 13.63
CA GLN B 87 18.10 7.41 14.55
C GLN B 87 19.08 8.00 15.55
#